data_6OIR
#
_entry.id   6OIR
#
_cell.length_a   46.529
_cell.length_b   56.831
_cell.length_c   122.161
_cell.angle_alpha   90.00
_cell.angle_beta   90.00
_cell.angle_gamma   90.00
#
_symmetry.space_group_name_H-M   'P 21 21 21'
#
loop_
_entity.id
_entity.type
_entity.pdbx_description
1 polymer 'Histone acetyltransferase KAT8'
2 non-polymer 'ZINC ION'
3 non-polymer "4-fluoro-N'-(phenylsulfonyl)[1,1'-biphenyl]-3-carbohydrazide"
4 non-polymer GLYCEROL
5 water water
#
_entity_poly.entity_id   1
_entity_poly.type   'polypeptide(L)'
_entity_poly.pdbx_seq_one_letter_code
;VKYVDKIHIGNYEIDAWYFSPFPEDYGKQPKLWLCEYCLKYMKYEKSYRFHLGQCQWRQPPGKEIYRKSNISVHEVDGKD
HKIYCQNLCLLAKLFLDH(ALY)TLYFDVEPFVFYILTEVDRQGAHIVGYFSKEKESPDGNNVSCIMILPPYQRRGYGRF
LIAFSYELSKLESTVGSPEKPLSDLGKLSYRSYWSWVLLENLRDFRGTLSIKDLSQMTSITQNDIISTLQSLNMVKYWKG
QHVICVTPKLVEEHLKSAQYKKPPITVDSVCLKWAPP
;
_entity_poly.pdbx_strand_id   A
#
# COMPACT_ATOMS: atom_id res chain seq x y z
N LYS A 2 -13.09 5.10 -26.14
CA LYS A 2 -12.98 6.60 -25.97
C LYS A 2 -12.26 7.03 -24.68
N TYR A 3 -12.58 6.51 -23.50
CA TYR A 3 -11.62 6.53 -22.38
C TYR A 3 -10.74 5.27 -22.48
N VAL A 4 -9.56 5.26 -21.86
CA VAL A 4 -8.82 4.03 -21.75
C VAL A 4 -9.68 3.00 -20.98
N ASP A 5 -9.91 1.82 -21.58
CA ASP A 5 -10.65 0.86 -20.77
C ASP A 5 -9.94 -0.44 -20.52
N LYS A 6 -8.71 -0.57 -21.00
CA LYS A 6 -8.04 -1.87 -20.89
C LYS A 6 -6.55 -1.54 -21.06
N ILE A 7 -5.68 -2.12 -20.24
CA ILE A 7 -4.26 -1.99 -20.44
C ILE A 7 -3.61 -3.36 -20.63
N HIS A 8 -2.47 -3.34 -21.29
CA HIS A 8 -1.54 -4.44 -21.28
C HIS A 8 -0.28 -4.07 -20.54
N ILE A 9 0.07 -4.84 -19.52
CA ILE A 9 1.33 -4.57 -18.78
C ILE A 9 1.96 -5.92 -18.40
N GLY A 10 3.22 -6.12 -18.72
CA GLY A 10 3.84 -7.42 -18.41
C GLY A 10 3.13 -8.49 -19.25
N ASN A 11 2.76 -9.58 -18.61
CA ASN A 11 1.92 -10.57 -19.24
C ASN A 11 0.46 -10.43 -18.91
N TYR A 12 0.01 -9.26 -18.47
CA TYR A 12 -1.38 -9.15 -18.02
C TYR A 12 -2.16 -8.22 -18.96
N GLU A 13 -3.44 -8.54 -19.15
CA GLU A 13 -4.36 -7.62 -19.75
C GLU A 13 -5.30 -7.32 -18.59
N ILE A 14 -5.59 -6.06 -18.35
CA ILE A 14 -6.40 -5.71 -17.18
C ILE A 14 -7.46 -4.69 -17.58
N ASP A 15 -8.74 -4.95 -17.30
CA ASP A 15 -9.80 -3.93 -17.51
C ASP A 15 -9.70 -2.73 -16.52
N ALA A 16 -9.96 -1.49 -16.99
CA ALA A 16 -9.98 -0.28 -16.17
C ALA A 16 -11.18 -0.38 -15.20
N TRP A 17 -11.09 0.23 -14.02
CA TRP A 17 -12.24 0.42 -13.15
C TRP A 17 -12.77 1.88 -13.20
N TYR A 18 -11.89 2.82 -13.48
CA TYR A 18 -12.29 4.26 -13.46
C TYR A 18 -11.62 5.02 -14.58
N PHE A 19 -12.16 6.21 -14.85
CA PHE A 19 -11.51 7.13 -15.74
C PHE A 19 -10.08 7.52 -15.23
N SER A 20 -9.10 7.47 -16.10
CA SER A 20 -7.79 8.10 -15.81
C SER A 20 -7.43 9.08 -16.95
N PRO A 21 -6.92 10.28 -16.61
CA PRO A 21 -6.72 11.28 -17.72
C PRO A 21 -5.38 11.12 -18.54
N PHE A 22 -5.15 9.95 -19.16
CA PHE A 22 -4.09 9.82 -20.14
C PHE A 22 -4.53 10.81 -21.22
N PRO A 23 -3.59 11.34 -22.01
CA PRO A 23 -4.00 12.19 -23.18
C PRO A 23 -5.05 11.50 -24.09
N GLU A 24 -5.84 12.36 -24.72
CA GLU A 24 -7.10 11.94 -25.28
C GLU A 24 -6.88 10.91 -26.40
N ASP A 25 -5.83 11.19 -27.17
CA ASP A 25 -5.34 10.35 -28.26
CA ASP A 25 -5.39 10.34 -28.27
C ASP A 25 -5.08 8.89 -27.82
N TYR A 26 -4.66 8.75 -26.57
CA TYR A 26 -4.30 7.46 -25.95
C TYR A 26 -5.53 6.63 -25.57
N GLY A 27 -6.60 7.34 -25.23
CA GLY A 27 -7.84 6.69 -24.95
C GLY A 27 -8.51 6.12 -26.19
N LYS A 28 -8.24 6.71 -27.36
CA LYS A 28 -8.99 6.36 -28.59
C LYS A 28 -8.72 4.88 -28.95
N GLN A 29 -7.56 4.35 -28.54
CA GLN A 29 -7.10 3.01 -28.97
C GLN A 29 -7.89 1.86 -28.30
N PRO A 30 -7.89 0.61 -28.89
CA PRO A 30 -8.49 -0.52 -28.11
C PRO A 30 -7.84 -0.81 -26.74
N LYS A 31 -6.50 -0.85 -26.69
CA LYS A 31 -5.77 -0.99 -25.44
C LYS A 31 -4.72 0.12 -25.28
N LEU A 32 -4.24 0.30 -24.06
CA LEU A 32 -3.04 1.04 -23.82
C LEU A 32 -1.95 0.06 -23.36
N TRP A 33 -0.73 0.21 -23.85
CA TRP A 33 0.35 -0.76 -23.62
C TRP A 33 1.36 -0.10 -22.75
N LEU A 34 1.61 -0.66 -21.55
CA LEU A 34 2.56 -0.08 -20.61
C LEU A 34 3.79 -0.93 -20.47
N CYS A 35 4.96 -0.31 -20.56
CA CYS A 35 6.19 -1.05 -20.18
C CYS A 35 6.07 -1.35 -18.69
N GLU A 36 6.16 -2.63 -18.27
CA GLU A 36 6.06 -2.91 -16.84
C GLU A 36 7.23 -2.39 -16.02
N TYR A 37 8.34 -2.00 -16.67
CA TYR A 37 9.48 -1.52 -15.91
C TYR A 37 9.62 -0.04 -15.81
N CYS A 38 9.54 0.70 -16.93
CA CYS A 38 9.60 2.13 -16.83
C CYS A 38 8.22 2.83 -16.81
N LEU A 39 7.16 2.08 -17.07
CA LEU A 39 5.78 2.56 -17.08
C LEU A 39 5.39 3.52 -18.19
N LYS A 40 6.27 3.65 -19.17
CA LYS A 40 5.91 4.36 -20.38
C LYS A 40 4.60 3.77 -20.98
N TYR A 41 3.64 4.62 -21.35
CA TYR A 41 2.41 4.15 -21.97
C TYR A 41 2.45 4.42 -23.47
N MET A 42 2.01 3.42 -24.23
CA MET A 42 2.13 3.40 -25.69
C MET A 42 0.80 3.05 -26.39
N LYS A 43 0.63 3.53 -27.63
CA LYS A 43 -0.65 3.39 -28.31
C LYS A 43 -0.86 2.10 -29.08
N TYR A 44 0.21 1.44 -29.48
CA TYR A 44 0.14 0.26 -30.38
C TYR A 44 0.94 -0.88 -29.91
N GLU A 45 0.43 -2.08 -30.19
CA GLU A 45 1.24 -3.26 -29.96
C GLU A 45 2.64 -3.12 -30.55
N LYS A 46 2.76 -2.50 -31.73
CA LYS A 46 4.12 -2.45 -32.33
C LYS A 46 5.11 -1.44 -31.69
N SER A 47 4.60 -0.29 -31.25
CA SER A 47 5.50 0.60 -30.54
C SER A 47 5.87 -0.08 -29.19
N TYR A 48 4.91 -0.80 -28.59
CA TYR A 48 5.17 -1.58 -27.33
C TYR A 48 6.29 -2.62 -27.53
N ARG A 49 6.18 -3.40 -28.57
CA ARG A 49 7.20 -4.49 -28.79
C ARG A 49 8.54 -3.91 -29.11
N PHE A 50 8.57 -2.80 -29.86
CA PHE A 50 9.83 -2.17 -30.16
C PHE A 50 10.42 -1.64 -28.83
N HIS A 51 9.61 -1.01 -28.03
CA HIS A 51 10.05 -0.48 -26.74
C HIS A 51 10.60 -1.60 -25.88
N LEU A 52 9.93 -2.73 -25.84
CA LEU A 52 10.42 -3.88 -25.06
C LEU A 52 11.85 -4.33 -25.43
N GLY A 53 12.21 -4.25 -26.71
CA GLY A 53 13.54 -4.66 -27.16
C GLY A 53 14.55 -3.63 -26.81
N GLN A 54 14.12 -2.38 -26.61
CA GLN A 54 15.10 -1.29 -26.39
C GLN A 54 15.28 -0.89 -24.94
N CYS A 55 14.20 -0.97 -24.19
CA CYS A 55 14.19 -0.36 -22.87
C CYS A 55 15.15 -1.11 -21.97
N GLN A 56 15.94 -0.35 -21.26
CA GLN A 56 16.97 -0.95 -20.43
C GLN A 56 16.51 -1.14 -18.97
N TRP A 57 15.37 -0.59 -18.56
CA TRP A 57 14.94 -0.69 -17.17
CA TRP A 57 14.99 -0.71 -17.16
C TRP A 57 14.51 -2.09 -16.86
N ARG A 58 14.92 -2.64 -15.72
CA ARG A 58 14.44 -3.98 -15.34
C ARG A 58 13.91 -3.97 -13.87
N GLN A 59 13.81 -2.76 -13.32
CA GLN A 59 13.22 -2.52 -11.99
C GLN A 59 12.83 -1.05 -11.89
N PRO A 60 12.05 -0.64 -10.84
CA PRO A 60 11.81 0.79 -10.67
C PRO A 60 13.08 1.61 -10.43
N PRO A 61 12.97 2.94 -10.63
CA PRO A 61 14.10 3.77 -10.33
C PRO A 61 14.21 4.00 -8.79
N GLY A 62 15.10 4.89 -8.35
CA GLY A 62 15.20 5.30 -6.93
C GLY A 62 15.95 4.25 -6.14
N LYS A 63 15.70 4.17 -4.84
CA LYS A 63 16.52 3.35 -3.96
C LYS A 63 15.75 2.13 -3.55
N GLU A 64 16.34 0.94 -3.65
CA GLU A 64 15.79 -0.24 -3.06
C GLU A 64 15.97 -0.19 -1.53
N ILE A 65 14.93 0.23 -0.80
CA ILE A 65 15.04 0.34 0.62
C ILE A 65 14.63 -0.96 1.34
N TYR A 66 14.21 -1.98 0.59
CA TYR A 66 13.82 -3.24 1.21
C TYR A 66 14.06 -4.29 0.25
N ARG A 67 14.70 -5.34 0.74
CA ARG A 67 14.82 -6.52 -0.05
C ARG A 67 14.88 -7.77 0.83
N LYS A 68 13.96 -8.69 0.59
CA LYS A 68 13.96 -9.97 1.30
C LYS A 68 13.54 -11.06 0.35
N SER A 69 14.52 -11.90 0.02
CA SER A 69 14.39 -12.98 -0.95
C SER A 69 13.96 -12.21 -2.25
N ASN A 70 12.84 -12.56 -2.88
CA ASN A 70 12.46 -11.85 -4.14
C ASN A 70 11.38 -10.73 -3.97
N ILE A 71 11.23 -10.23 -2.75
CA ILE A 71 10.28 -9.12 -2.47
C ILE A 71 11.08 -7.86 -2.26
N SER A 72 10.76 -6.81 -3.01
CA SER A 72 11.54 -5.59 -2.89
CA SER A 72 11.56 -5.59 -3.00
C SER A 72 10.68 -4.36 -2.90
N VAL A 73 11.12 -3.32 -2.16
CA VAL A 73 10.41 -2.02 -2.24
C VAL A 73 11.46 -0.99 -2.66
N HIS A 74 11.09 -0.14 -3.65
CA HIS A 74 11.85 1.00 -4.07
C HIS A 74 11.19 2.25 -3.60
N GLU A 75 12.01 3.18 -3.09
CA GLU A 75 11.53 4.49 -2.70
C GLU A 75 11.87 5.45 -3.80
N VAL A 76 10.86 6.11 -4.35
CA VAL A 76 11.06 6.93 -5.53
C VAL A 76 10.54 8.33 -5.22
N ASP A 77 11.46 9.29 -5.18
CA ASP A 77 11.11 10.67 -4.90
C ASP A 77 10.48 11.32 -6.14
N GLY A 78 9.29 11.92 -5.99
CA GLY A 78 8.56 12.49 -7.16
C GLY A 78 9.33 13.62 -7.88
N LYS A 79 10.19 14.32 -7.13
CA LYS A 79 11.00 15.39 -7.69
C LYS A 79 12.13 14.87 -8.52
N ASP A 80 12.73 13.74 -8.16
CA ASP A 80 13.83 13.18 -8.93
C ASP A 80 13.41 12.30 -10.11
N HIS A 81 12.23 11.72 -10.08
CA HIS A 81 11.81 10.80 -11.15
C HIS A 81 10.42 11.17 -11.54
N LYS A 82 10.24 12.40 -12.01
CA LYS A 82 8.93 12.93 -12.28
C LYS A 82 8.08 12.10 -13.28
N ILE A 83 8.65 11.78 -14.42
CA ILE A 83 7.88 11.18 -15.53
C ILE A 83 7.46 9.79 -15.05
N TYR A 84 8.39 9.00 -14.49
CA TYR A 84 8.01 7.69 -13.93
C TYR A 84 6.84 7.80 -12.95
N CYS A 85 6.93 8.70 -11.97
CA CYS A 85 5.86 8.92 -11.00
C CYS A 85 4.51 9.34 -11.62
N GLN A 86 4.54 10.19 -12.65
CA GLN A 86 3.31 10.64 -13.28
C GLN A 86 2.69 9.43 -13.99
N ASN A 87 3.54 8.66 -14.65
CA ASN A 87 3.07 7.43 -15.39
C ASN A 87 2.43 6.49 -14.37
N LEU A 88 3.08 6.36 -13.23
CA LEU A 88 2.52 5.53 -12.14
C LEU A 88 1.20 6.10 -11.66
N CYS A 89 1.11 7.42 -11.48
CA CYS A 89 -0.19 7.91 -10.99
C CYS A 89 -1.36 7.73 -11.98
N LEU A 90 -1.07 7.80 -13.26
CA LEU A 90 -2.10 7.63 -14.31
C LEU A 90 -2.53 6.13 -14.35
N LEU A 91 -1.56 5.25 -14.20
CA LEU A 91 -1.86 3.82 -14.04
C LEU A 91 -2.73 3.58 -12.81
N ALA A 92 -2.35 4.17 -11.68
CA ALA A 92 -3.13 3.95 -10.44
C ALA A 92 -4.56 4.45 -10.52
N LYS A 93 -4.73 5.58 -11.26
CA LYS A 93 -6.05 6.22 -11.27
C LYS A 93 -7.09 5.34 -12.03
N LEU A 94 -6.58 4.36 -12.79
CA LEU A 94 -7.42 3.39 -13.49
C LEU A 94 -8.16 2.54 -12.52
N PHE A 95 -7.61 2.37 -11.31
CA PHE A 95 -8.15 1.49 -10.28
C PHE A 95 -8.58 2.21 -9.01
N LEU A 96 -8.42 3.56 -8.94
CA LEU A 96 -8.76 4.36 -7.74
C LEU A 96 -9.82 5.40 -8.13
N ASP A 97 -10.90 5.41 -7.40
CA ASP A 97 -11.96 6.33 -7.73
C ASP A 97 -11.58 7.75 -7.31
N HIS A 98 -10.84 7.86 -6.20
CA HIS A 98 -10.75 9.11 -5.44
C HIS A 98 -9.42 9.74 -5.60
N THR A 100 -6.73 12.17 -6.97
CA THR A 100 -6.94 13.31 -7.85
C THR A 100 -5.62 14.00 -8.29
N LEU A 101 -4.47 13.50 -7.88
CA LEU A 101 -3.22 14.13 -8.21
C LEU A 101 -2.39 13.18 -9.15
N TYR A 102 -2.06 13.64 -10.37
CA TYR A 102 -1.34 12.79 -11.36
C TYR A 102 -0.07 13.45 -11.78
N PHE A 103 -0.08 14.77 -11.86
CA PHE A 103 1.01 15.50 -12.54
C PHE A 103 1.95 16.24 -11.58
N ASP A 104 1.38 16.88 -10.59
CA ASP A 104 2.14 17.58 -9.53
C ASP A 104 2.76 16.55 -8.47
N VAL A 105 3.75 15.75 -8.86
CA VAL A 105 4.18 14.60 -8.03
C VAL A 105 5.37 14.94 -7.11
N GLU A 106 5.99 16.12 -7.31
CA GLU A 106 7.16 16.48 -6.50
C GLU A 106 6.95 16.53 -4.95
N PRO A 107 5.75 16.89 -4.45
CA PRO A 107 5.58 16.80 -2.99
C PRO A 107 5.47 15.34 -2.46
N PHE A 108 5.53 14.32 -3.32
CA PHE A 108 5.31 12.92 -2.90
C PHE A 108 6.52 12.02 -3.00
N VAL A 109 6.57 11.02 -2.11
CA VAL A 109 7.49 9.93 -2.29
C VAL A 109 6.66 8.67 -2.57
N PHE A 110 7.13 7.84 -3.50
CA PHE A 110 6.41 6.64 -3.89
C PHE A 110 7.16 5.36 -3.53
N TYR A 111 6.41 4.41 -2.97
CA TYR A 111 7.02 3.19 -2.50
C TYR A 111 6.44 2.10 -3.38
N ILE A 112 7.28 1.54 -4.24
CA ILE A 112 6.82 0.67 -5.31
C ILE A 112 7.18 -0.76 -4.86
N LEU A 113 6.19 -1.62 -4.79
CA LEU A 113 6.38 -3.04 -4.43
C LEU A 113 6.52 -3.91 -5.67
N THR A 114 7.63 -4.69 -5.75
CA THR A 114 7.90 -5.62 -6.82
C THR A 114 8.13 -7.04 -6.27
N GLU A 115 7.85 -7.98 -7.13
CA GLU A 115 8.19 -9.41 -6.94
C GLU A 115 9.14 -9.77 -8.12
N VAL A 116 10.32 -10.31 -7.78
CA VAL A 116 11.50 -10.36 -8.71
C VAL A 116 11.60 -11.79 -9.23
N ASP A 117 11.90 -11.94 -10.52
CA ASP A 117 12.45 -13.22 -11.02
C ASP A 117 13.69 -12.94 -11.86
N ARG A 118 14.17 -13.97 -12.53
CA ARG A 118 15.33 -13.89 -13.47
C ARG A 118 15.21 -12.71 -14.49
N GLN A 119 14.00 -12.40 -14.95
CA GLN A 119 13.74 -11.28 -15.94
C GLN A 119 13.85 -9.86 -15.38
N GLY A 120 13.46 -9.67 -14.13
CA GLY A 120 13.55 -8.38 -13.49
C GLY A 120 12.50 -8.30 -12.39
N ALA A 121 12.20 -7.08 -11.99
CA ALA A 121 11.34 -6.79 -10.81
C ALA A 121 10.00 -6.29 -11.29
N HIS A 122 8.91 -7.04 -11.03
CA HIS A 122 7.60 -6.87 -11.61
C HIS A 122 6.69 -6.16 -10.64
N ILE A 123 6.11 -5.08 -11.09
CA ILE A 123 5.32 -4.23 -10.26
C ILE A 123 4.01 -4.87 -9.78
N VAL A 124 3.80 -4.78 -8.49
CA VAL A 124 2.63 -5.34 -7.86
C VAL A 124 1.68 -4.22 -7.43
N GLY A 125 2.22 -3.13 -6.93
CA GLY A 125 1.40 -2.06 -6.35
C GLY A 125 2.33 -1.01 -5.74
N TYR A 126 1.78 -0.05 -5.01
CA TYR A 126 2.58 1.04 -4.44
C TYR A 126 1.73 1.76 -3.44
N PHE A 127 2.35 2.53 -2.55
CA PHE A 127 1.61 3.64 -1.96
C PHE A 127 2.40 4.91 -2.10
N SER A 128 1.69 6.02 -2.13
CA SER A 128 2.37 7.32 -2.21
C SER A 128 2.23 7.92 -0.80
N LYS A 129 3.09 8.87 -0.46
CA LYS A 129 3.08 9.51 0.85
C LYS A 129 3.57 10.99 0.64
N GLU A 130 2.92 11.97 1.26
CA GLU A 130 3.43 13.36 1.21
C GLU A 130 4.69 13.48 1.99
N LYS A 131 5.67 14.16 1.44
CA LYS A 131 6.88 14.48 2.20
C LYS A 131 6.61 15.18 3.52
N GLU A 132 5.67 16.11 3.47
CA GLU A 132 5.26 16.84 4.63
C GLU A 132 3.76 16.75 4.64
N SER A 133 3.23 16.00 5.60
CA SER A 133 1.80 15.84 5.71
C SER A 133 1.36 16.65 6.91
N PRO A 134 0.63 17.74 6.67
CA PRO A 134 0.19 18.52 7.83
C PRO A 134 -0.86 17.73 8.64
N ASP A 135 -1.50 16.70 8.04
CA ASP A 135 -2.56 16.01 8.70
C ASP A 135 -2.09 14.67 9.31
N GLY A 136 -0.79 14.38 9.33
CA GLY A 136 -0.32 13.09 9.84
C GLY A 136 -0.78 11.88 9.00
N ASN A 137 -0.89 12.04 7.67
CA ASN A 137 -1.24 10.90 6.81
C ASN A 137 0.03 10.14 6.47
N ASN A 138 0.09 8.84 6.74
CA ASN A 138 1.32 8.13 6.43
C ASN A 138 1.21 7.38 5.10
N VAL A 139 0.04 7.50 4.45
CA VAL A 139 -0.17 7.03 3.10
C VAL A 139 -1.12 8.07 2.54
N SER A 140 -0.86 8.48 1.31
CA SER A 140 -1.78 9.24 0.49
C SER A 140 -2.70 8.35 -0.34
N CYS A 141 -2.22 7.57 -1.32
CA CYS A 141 -3.07 6.59 -2.01
C CYS A 141 -2.33 5.28 -1.91
N ILE A 142 -3.06 4.20 -1.95
CA ILE A 142 -2.45 2.89 -1.97
C ILE A 142 -3.19 2.06 -3.00
N MET A 143 -2.46 1.36 -3.88
CA MET A 143 -3.11 0.65 -4.97
C MET A 143 -2.34 -0.64 -5.28
N ILE A 144 -3.04 -1.73 -5.33
CA ILE A 144 -2.51 -3.05 -5.65
C ILE A 144 -3.18 -3.38 -7.01
N LEU A 145 -2.38 -3.78 -8.00
CA LEU A 145 -2.97 -4.11 -9.32
C LEU A 145 -3.89 -5.30 -9.19
N PRO A 146 -5.01 -5.31 -9.93
CA PRO A 146 -6.05 -6.31 -9.75
C PRO A 146 -5.55 -7.76 -9.67
N PRO A 147 -4.60 -8.16 -10.54
CA PRO A 147 -4.30 -9.59 -10.41
C PRO A 147 -3.52 -9.98 -9.12
N TYR A 148 -3.10 -9.01 -8.33
CA TYR A 148 -2.40 -9.31 -7.08
C TYR A 148 -3.26 -8.93 -5.90
N GLN A 149 -4.51 -8.51 -6.09
CA GLN A 149 -5.27 -8.14 -4.90
C GLN A 149 -5.69 -9.35 -4.09
N ARG A 150 -5.91 -9.14 -2.79
CA ARG A 150 -6.33 -10.20 -1.89
C ARG A 150 -5.34 -11.36 -1.89
N ARG A 151 -4.06 -11.09 -2.04
CA ARG A 151 -3.08 -12.12 -2.00
C ARG A 151 -1.98 -11.79 -1.02
N GLY A 152 -2.28 -10.89 -0.06
CA GLY A 152 -1.31 -10.52 1.00
C GLY A 152 -0.38 -9.39 0.65
N TYR A 153 -0.37 -8.92 -0.61
CA TYR A 153 0.53 -7.80 -0.97
C TYR A 153 0.03 -6.45 -0.41
N GLY A 154 -1.30 -6.23 -0.38
CA GLY A 154 -1.88 -5.03 0.22
C GLY A 154 -1.50 -5.03 1.71
N ARG A 155 -1.57 -6.21 2.34
CA ARG A 155 -1.29 -6.30 3.78
CA ARG A 155 -1.30 -6.30 3.79
C ARG A 155 0.16 -5.90 4.06
N PHE A 156 1.06 -6.42 3.19
CA PHE A 156 2.49 -6.10 3.29
C PHE A 156 2.69 -4.59 3.19
N LEU A 157 2.02 -3.92 2.24
CA LEU A 157 2.33 -2.47 2.07
C LEU A 157 1.77 -1.67 3.23
N ILE A 158 0.56 -2.01 3.73
CA ILE A 158 0.04 -1.29 4.85
C ILE A 158 1.03 -1.46 6.07
N ALA A 159 1.47 -2.67 6.39
CA ALA A 159 2.50 -2.89 7.45
C ALA A 159 3.73 -2.09 7.20
N PHE A 160 4.16 -2.06 5.92
CA PHE A 160 5.31 -1.27 5.48
C PHE A 160 5.15 0.20 5.83
N SER A 161 3.97 0.75 5.55
CA SER A 161 3.78 2.16 5.80
C SER A 161 3.91 2.52 7.29
N TYR A 162 3.47 1.63 8.16
CA TYR A 162 3.60 1.87 9.63
C TYR A 162 5.02 1.60 10.06
N GLU A 163 5.74 0.70 9.36
CA GLU A 163 7.17 0.53 9.73
C GLU A 163 7.89 1.81 9.49
N LEU A 164 7.54 2.54 8.39
CA LEU A 164 8.13 3.90 8.21
C LEU A 164 7.76 4.84 9.35
N SER A 165 6.45 4.87 9.70
CA SER A 165 5.95 5.77 10.73
C SER A 165 6.70 5.53 12.07
N LYS A 166 6.83 4.25 12.43
CA LYS A 166 7.62 3.86 13.65
C LYS A 166 9.02 4.44 13.63
N LEU A 167 9.72 4.35 12.49
CA LEU A 167 11.09 4.87 12.39
C LEU A 167 11.11 6.37 12.44
N GLU A 168 10.01 7.01 12.10
CA GLU A 168 9.90 8.45 12.23
C GLU A 168 9.41 8.85 13.64
N SER A 169 9.21 7.89 14.57
CA SER A 169 8.60 8.16 15.90
C SER A 169 7.29 8.94 15.81
N THR A 170 6.41 8.53 14.92
CA THR A 170 5.20 9.29 14.75
C THR A 170 4.02 8.34 14.50
N VAL A 171 2.81 8.80 14.73
CA VAL A 171 1.65 7.99 14.43
C VAL A 171 1.22 8.46 13.05
N GLY A 172 0.43 7.64 12.36
CA GLY A 172 0.00 8.05 11.01
C GLY A 172 -1.28 7.32 10.67
N SER A 173 -2.01 7.84 9.69
CA SER A 173 -3.26 7.19 9.24
C SER A 173 -3.38 7.39 7.72
N PRO A 174 -3.99 6.45 6.95
CA PRO A 174 -4.10 6.73 5.51
C PRO A 174 -5.04 7.93 5.31
N GLU A 175 -4.75 8.72 4.26
CA GLU A 175 -5.65 9.78 3.82
C GLU A 175 -6.98 9.20 3.43
N LYS A 176 -8.06 9.82 3.87
CA LYS A 176 -9.40 9.39 3.49
C LYS A 176 -9.86 10.15 2.23
N PRO A 177 -10.84 9.63 1.47
CA PRO A 177 -11.55 8.38 1.70
C PRO A 177 -10.79 7.16 1.20
N LEU A 178 -11.01 6.05 1.85
CA LEU A 178 -10.48 4.78 1.42
C LEU A 178 -11.44 4.12 0.44
N SER A 179 -10.88 3.26 -0.41
CA SER A 179 -11.62 2.42 -1.32
C SER A 179 -12.25 1.34 -0.50
N ASP A 180 -13.20 0.65 -1.11
CA ASP A 180 -13.90 -0.43 -0.42
C ASP A 180 -12.93 -1.51 0.12
N LEU A 181 -12.06 -1.99 -0.74
CA LEU A 181 -11.04 -2.97 -0.38
C LEU A 181 -10.05 -2.36 0.58
N GLY A 182 -9.77 -1.07 0.41
CA GLY A 182 -8.88 -0.31 1.32
C GLY A 182 -9.36 -0.37 2.77
N LYS A 183 -10.63 -0.03 2.97
CA LYS A 183 -11.21 -0.05 4.29
C LYS A 183 -11.18 -1.44 4.87
N LEU A 184 -11.65 -2.45 4.11
CA LEU A 184 -11.60 -3.83 4.68
C LEU A 184 -10.14 -4.20 5.08
N SER A 185 -9.20 -3.86 4.20
CA SER A 185 -7.78 -4.20 4.38
C SER A 185 -7.23 -3.50 5.62
N TYR A 186 -7.43 -2.19 5.73
CA TYR A 186 -6.97 -1.48 6.96
C TYR A 186 -7.62 -2.01 8.25
N ARG A 187 -8.94 -2.25 8.22
CA ARG A 187 -9.64 -2.69 9.45
CA ARG A 187 -9.66 -2.71 9.41
C ARG A 187 -9.08 -4.04 9.87
N SER A 188 -8.89 -4.91 8.89
CA SER A 188 -8.43 -6.22 9.20
C SER A 188 -6.93 -6.21 9.64
N TYR A 189 -6.13 -5.35 9.01
CA TYR A 189 -4.74 -5.13 9.45
C TYR A 189 -4.68 -4.58 10.90
N TRP A 190 -5.48 -3.56 11.18
CA TRP A 190 -5.43 -2.99 12.52
C TRP A 190 -5.81 -4.02 13.58
N SER A 191 -6.88 -4.74 13.32
CA SER A 191 -7.40 -5.78 14.26
C SER A 191 -6.31 -6.81 14.51
N TRP A 192 -5.67 -7.29 13.45
CA TRP A 192 -4.59 -8.32 13.60
CA TRP A 192 -4.60 -8.32 13.64
C TRP A 192 -3.53 -7.81 14.51
N VAL A 193 -3.03 -6.62 14.25
CA VAL A 193 -1.90 -6.11 14.97
C VAL A 193 -2.25 -5.85 16.42
N LEU A 194 -3.45 -5.30 16.64
CA LEU A 194 -3.86 -4.96 18.01
C LEU A 194 -4.09 -6.25 18.84
N LEU A 195 -4.70 -7.22 18.23
CA LEU A 195 -4.99 -8.51 18.87
C LEU A 195 -3.70 -9.18 19.25
N GLU A 196 -2.78 -9.22 18.29
CA GLU A 196 -1.52 -9.88 18.55
CA GLU A 196 -1.52 -9.87 18.55
C GLU A 196 -0.80 -9.14 19.67
N ASN A 197 -0.81 -7.80 19.68
CA ASN A 197 -0.20 -7.10 20.85
C ASN A 197 -0.90 -7.36 22.21
N LEU A 198 -2.22 -7.48 22.18
CA LEU A 198 -3.04 -7.77 23.36
C LEU A 198 -2.75 -9.20 23.89
N ARG A 199 -2.57 -10.16 22.99
CA ARG A 199 -2.07 -11.51 23.34
C ARG A 199 -0.70 -11.43 23.99
N ASP A 200 0.26 -10.73 23.36
CA ASP A 200 1.67 -10.74 23.79
C ASP A 200 1.98 -9.97 25.06
N PHE A 201 1.07 -9.09 25.47
CA PHE A 201 1.16 -8.50 26.79
C PHE A 201 0.01 -9.05 27.61
N ARG A 202 -0.62 -8.29 28.47
CA ARG A 202 -1.68 -8.93 29.22
C ARG A 202 -2.55 -7.98 30.03
N GLY A 203 -1.97 -6.87 30.50
CA GLY A 203 -0.57 -6.51 30.31
C GLY A 203 -0.37 -5.05 30.66
N THR A 204 -1.45 -4.46 31.18
CA THR A 204 -1.59 -3.00 31.35
C THR A 204 -1.07 -2.25 30.14
N LEU A 205 -1.61 -2.61 28.97
CA LEU A 205 -1.45 -1.80 27.77
C LEU A 205 -2.60 -0.77 27.70
N SER A 206 -2.27 0.53 27.68
CA SER A 206 -3.31 1.54 27.44
C SER A 206 -3.49 1.67 25.91
N ILE A 207 -4.49 2.45 25.53
CA ILE A 207 -4.67 2.78 24.11
C ILE A 207 -3.47 3.59 23.65
N LYS A 208 -2.93 4.47 24.51
CA LYS A 208 -1.75 5.27 24.16
C LYS A 208 -0.56 4.36 23.95
N ASP A 209 -0.40 3.38 24.84
CA ASP A 209 0.64 2.34 24.69
C ASP A 209 0.62 1.68 23.33
N LEU A 210 -0.57 1.14 22.97
CA LEU A 210 -0.74 0.56 21.66
C LEU A 210 -0.38 1.52 20.48
N SER A 211 -0.80 2.77 20.59
CA SER A 211 -0.47 3.78 19.58
C SER A 211 1.05 3.96 19.43
N GLN A 212 1.75 4.15 20.56
CA GLN A 212 3.22 4.23 20.54
C GLN A 212 3.88 3.01 19.96
N MET A 213 3.37 1.83 20.26
CA MET A 213 4.03 0.62 19.78
C MET A 213 3.75 0.31 18.30
N THR A 214 2.59 0.77 17.77
CA THR A 214 2.14 0.34 16.42
C THR A 214 2.21 1.47 15.40
N SER A 215 2.39 2.69 15.91
CA SER A 215 2.20 3.91 15.13
C SER A 215 0.75 4.05 14.56
N ILE A 216 -0.18 3.20 14.95
CA ILE A 216 -1.60 3.36 14.57
C ILE A 216 -2.15 4.51 15.46
N THR A 217 -2.96 5.42 14.90
CA THR A 217 -3.49 6.58 15.71
C THR A 217 -4.44 6.11 16.77
N GLN A 218 -4.62 6.89 17.85
CA GLN A 218 -5.57 6.48 18.91
C GLN A 218 -6.96 6.31 18.32
N ASN A 219 -7.33 7.18 17.37
CA ASN A 219 -8.64 7.06 16.78
C ASN A 219 -8.83 5.79 16.01
N ASP A 220 -7.81 5.37 15.25
CA ASP A 220 -7.98 4.14 14.48
C ASP A 220 -7.96 2.90 15.42
N ILE A 221 -7.15 3.00 16.48
CA ILE A 221 -7.18 1.94 17.56
C ILE A 221 -8.56 1.89 18.17
N ILE A 222 -9.03 3.03 18.65
CA ILE A 222 -10.40 3.03 19.26
C ILE A 222 -11.50 2.49 18.31
N SER A 223 -11.58 2.99 17.05
CA SER A 223 -12.67 2.48 16.21
C SER A 223 -12.49 1.00 15.97
N THR A 224 -11.24 0.53 15.88
CA THR A 224 -11.06 -0.96 15.69
C THR A 224 -11.49 -1.79 16.91
N LEU A 225 -11.10 -1.33 18.09
CA LEU A 225 -11.45 -1.99 19.34
C LEU A 225 -12.97 -1.97 19.52
N GLN A 226 -13.60 -0.88 19.11
CA GLN A 226 -15.09 -0.83 19.06
C GLN A 226 -15.73 -1.87 18.16
N SER A 227 -15.16 -2.07 16.97
CA SER A 227 -15.80 -3.03 16.11
C SER A 227 -15.49 -4.44 16.67
N LEU A 228 -14.50 -4.59 17.52
CA LEU A 228 -14.27 -5.92 18.10
C LEU A 228 -15.00 -6.05 19.47
N ASN A 229 -15.64 -4.97 19.90
CA ASN A 229 -16.25 -4.91 21.25
C ASN A 229 -15.22 -5.13 22.34
N MET A 230 -14.10 -4.45 22.24
CA MET A 230 -13.04 -4.59 23.26
C MET A 230 -12.76 -3.32 24.03
N VAL A 231 -13.72 -2.38 24.04
CA VAL A 231 -13.48 -1.15 24.74
C VAL A 231 -14.69 -0.82 25.59
N LYS A 232 -14.46 -0.45 26.83
CA LYS A 232 -15.52 0.16 27.56
C LYS A 232 -15.30 1.69 27.70
N TYR A 233 -16.32 2.41 28.21
CA TYR A 233 -16.28 3.87 28.27
C TYR A 233 -16.52 4.29 29.73
N TRP A 234 -15.67 5.16 30.26
CA TRP A 234 -15.71 5.52 31.67
C TRP A 234 -15.35 6.93 31.81
N LYS A 235 -16.35 7.70 32.26
CA LYS A 235 -16.27 9.15 32.47
C LYS A 235 -15.55 9.87 31.35
N GLY A 236 -15.94 9.57 30.13
CA GLY A 236 -15.37 10.34 29.04
C GLY A 236 -14.13 9.72 28.40
N GLN A 237 -13.68 8.57 28.91
CA GLN A 237 -12.47 7.93 28.36
C GLN A 237 -12.74 6.52 27.89
N HIS A 238 -12.27 6.22 26.66
CA HIS A 238 -12.24 4.83 26.13
C HIS A 238 -11.17 4.06 26.86
N VAL A 239 -11.51 2.86 27.37
CA VAL A 239 -10.62 2.01 28.16
C VAL A 239 -10.64 0.56 27.65
N ILE A 240 -9.47 -0.04 27.43
CA ILE A 240 -9.40 -1.44 26.96
C ILE A 240 -10.08 -2.47 27.87
N CYS A 241 -10.90 -3.32 27.29
CA CYS A 241 -11.61 -4.28 28.11
C CYS A 241 -11.71 -5.61 27.40
N VAL A 242 -10.74 -6.49 27.67
CA VAL A 242 -10.76 -7.81 27.07
C VAL A 242 -10.06 -8.87 27.90
N THR A 243 -10.55 -10.08 27.79
CA THR A 243 -9.88 -11.25 28.33
C THR A 243 -8.90 -11.93 27.33
N PRO A 244 -7.77 -12.50 27.84
CA PRO A 244 -6.92 -13.42 27.05
C PRO A 244 -7.67 -14.44 26.19
N LYS A 245 -8.74 -15.03 26.74
CA LYS A 245 -9.56 -15.97 25.95
C LYS A 245 -10.23 -15.32 24.74
N LEU A 246 -10.89 -14.18 24.94
CA LEU A 246 -11.53 -13.49 23.82
C LEU A 246 -10.51 -13.09 22.70
N VAL A 247 -9.35 -12.63 23.12
CA VAL A 247 -8.31 -12.29 22.16
C VAL A 247 -8.00 -13.51 21.26
N GLU A 248 -7.73 -14.67 21.87
CA GLU A 248 -7.48 -15.88 21.10
C GLU A 248 -8.68 -16.33 20.23
N GLU A 249 -9.91 -16.20 20.72
CA GLU A 249 -11.10 -16.47 19.87
C GLU A 249 -11.05 -15.65 18.61
N HIS A 250 -10.77 -14.34 18.72
CA HIS A 250 -10.66 -13.51 17.51
CA HIS A 250 -10.66 -13.51 17.51
C HIS A 250 -9.54 -13.90 16.59
N LEU A 251 -8.39 -14.22 17.16
CA LEU A 251 -7.23 -14.59 16.38
C LEU A 251 -7.32 -15.93 15.70
N LYS A 252 -8.22 -16.81 16.18
CA LYS A 252 -8.36 -18.17 15.64
C LYS A 252 -9.26 -18.17 14.42
N SER A 253 -9.87 -17.01 14.18
CA SER A 253 -10.82 -16.84 13.08
CA SER A 253 -10.82 -16.85 13.09
C SER A 253 -10.18 -16.90 11.70
N ALA A 254 -10.95 -17.39 10.71
CA ALA A 254 -10.50 -17.51 9.28
C ALA A 254 -9.85 -16.23 8.71
N GLN A 255 -10.30 -15.07 9.18
CA GLN A 255 -9.73 -13.79 8.78
C GLN A 255 -8.20 -13.80 8.83
N TYR A 256 -7.64 -14.39 9.88
CA TYR A 256 -6.21 -14.27 10.16
C TYR A 256 -5.40 -15.51 9.78
N LYS A 257 -5.96 -16.34 8.91
CA LYS A 257 -5.41 -17.68 8.70
C LYS A 257 -4.45 -17.85 7.52
N LYS A 258 -4.46 -16.90 6.58
CA LYS A 258 -3.59 -16.94 5.44
C LYS A 258 -2.21 -16.53 5.97
N PRO A 259 -1.17 -17.30 5.60
CA PRO A 259 0.22 -16.98 6.02
C PRO A 259 0.64 -15.62 5.41
N PRO A 260 1.01 -14.63 6.23
CA PRO A 260 1.32 -13.32 5.62
C PRO A 260 2.71 -13.27 4.96
N ILE A 261 2.90 -12.39 3.97
CA ILE A 261 4.25 -11.99 3.54
C ILE A 261 4.64 -10.93 4.59
N THR A 262 5.64 -11.16 5.41
CA THR A 262 5.81 -10.20 6.56
C THR A 262 6.87 -9.17 6.19
N VAL A 263 6.85 -8.01 6.82
CA VAL A 263 7.94 -7.08 6.71
C VAL A 263 9.02 -7.39 7.74
N ASP A 264 10.22 -7.64 7.27
CA ASP A 264 11.31 -8.01 8.19
C ASP A 264 12.07 -6.76 8.44
N SER A 265 11.98 -6.18 9.62
CA SER A 265 12.64 -4.92 9.86
C SER A 265 14.16 -5.01 9.65
N VAL A 266 14.74 -6.21 9.75
CA VAL A 266 16.17 -6.32 9.51
C VAL A 266 16.46 -5.98 8.01
N CYS A 267 15.47 -6.16 7.13
CA CYS A 267 15.73 -5.98 5.69
C CYS A 267 15.31 -4.58 5.22
N LEU A 268 14.89 -3.73 6.14
CA LEU A 268 14.48 -2.41 5.78
C LEU A 268 15.63 -1.45 6.03
N LYS A 269 15.98 -0.63 5.03
CA LYS A 269 17.11 0.30 5.08
C LYS A 269 16.59 1.66 4.90
N TRP A 270 16.40 2.38 5.98
CA TRP A 270 15.73 3.65 5.83
C TRP A 270 15.84 4.47 7.07
N ALA A 271 16.23 5.72 6.90
CA ALA A 271 16.10 6.64 8.02
C ALA A 271 15.33 7.87 7.55
N PRO A 272 14.58 8.49 8.48
CA PRO A 272 13.77 9.67 8.20
C PRO A 272 14.62 10.74 7.53
N PRO A 273 14.10 11.45 6.50
CA PRO A 273 14.90 12.45 5.75
C PRO A 273 15.14 13.78 6.49
#